data_4QYF
#
_entry.id   4QYF
#
_cell.length_a   44.971
_cell.length_b   65.948
_cell.length_c   58.118
_cell.angle_alpha   90.00
_cell.angle_beta   93.96
_cell.angle_gamma   90.00
#
_symmetry.space_group_name_H-M   'P 1 21 1'
#
loop_
_entity.id
_entity.type
_entity.pdbx_description
1 polymer 'Serine/threonine-protein kinase Chk1'
2 non-polymer '4-[3-amino-6-(3-hydroxyphenyl)pyrazin-2-yl]benzoic acid'
3 water water
#
_entity_poly.entity_id   1
_entity_poly.type   'polypeptide(L)'
_entity_poly.pdbx_seq_one_letter_code
;MAVPFVEDWDLVQTLGEGAYGEVQLAVNRVTEEAVAVKIVDMKRAVDCPENIKKEICINKMLNHENVVKFYGHRREGNIQ
YLFLEYCSGGELFDRIEPDIGMPEPDAQRFFHQLMAGVVYLHGIGITHRDIKPENLLLDERDNLKISDFGLATVFRYNNR
ERLLNKMCGTLPYVAPELLKRREFHAEPVDVWSCGIVLTAMLAGELPWDQPSDSCQEYSDWKEKKTYLNPWKKIDSAPLA
LLHKILVENPSARITIPDIKKDRWYNKPLKKGAKRPRVTSGGVSESPSGGHHHHHHHH
;
_entity_poly.pdbx_strand_id   A
#
loop_
_chem_comp.id
_chem_comp.type
_chem_comp.name
_chem_comp.formula
3DV non-polymer '4-[3-amino-6-(3-hydroxyphenyl)pyrazin-2-yl]benzoic acid' 'C17 H13 N3 O3'
#
# COMPACT_ATOMS: atom_id res chain seq x y z
N VAL A 3 29.18 11.43 21.95
CA VAL A 3 29.27 9.93 22.04
C VAL A 3 29.99 9.35 20.80
N PRO A 4 31.22 8.82 20.98
CA PRO A 4 31.88 8.20 19.82
C PRO A 4 31.12 6.98 19.26
N PHE A 5 31.27 6.73 17.96
CA PHE A 5 30.76 5.52 17.27
C PHE A 5 29.25 5.50 17.00
N VAL A 6 28.50 6.52 17.45
CA VAL A 6 27.02 6.50 17.39
C VAL A 6 26.45 6.60 15.94
N GLU A 7 27.27 7.03 15.00
CA GLU A 7 26.87 7.16 13.60
C GLU A 7 27.19 5.90 12.76
N ASP A 8 27.74 4.86 13.39
CA ASP A 8 28.12 3.63 12.70
C ASP A 8 27.02 2.57 12.80
N TRP A 9 26.69 1.97 11.66
CA TRP A 9 25.61 1.00 11.52
C TRP A 9 26.17 -0.25 10.87
N ASP A 10 25.86 -1.43 11.41
CA ASP A 10 26.22 -2.69 10.76
C ASP A 10 25.05 -3.19 9.91
N LEU A 11 25.36 -3.52 8.66
CA LEU A 11 24.39 -4.11 7.74
C LEU A 11 24.42 -5.61 8.01
N VAL A 12 23.31 -6.14 8.54
CA VAL A 12 23.27 -7.49 9.13
C VAL A 12 22.32 -8.53 8.47
N GLN A 13 21.55 -8.12 7.46
CA GLN A 13 20.54 -9.01 6.85
C GLN A 13 19.91 -8.34 5.63
N THR A 14 19.84 -9.07 4.53
CA THR A 14 19.11 -8.60 3.34
C THR A 14 17.60 -8.70 3.59
N LEU A 15 16.90 -7.58 3.39
CA LEU A 15 15.45 -7.52 3.55
C LEU A 15 14.67 -7.59 2.23
N GLY A 16 15.30 -7.19 1.14
CA GLY A 16 14.64 -7.16 -0.16
C GLY A 16 15.58 -6.68 -1.26
N GLU A 17 15.21 -6.98 -2.51
CA GLU A 17 15.95 -6.56 -3.71
C GLU A 17 14.94 -6.07 -4.76
N GLY A 18 15.43 -5.65 -5.92
CA GLY A 18 14.54 -5.21 -7.02
C GLY A 18 14.79 -3.79 -7.48
N ALA A 19 14.70 -3.59 -8.81
CA ALA A 19 15.26 -2.42 -9.49
C ALA A 19 16.75 -2.70 -9.66
N TYR A 20 17.60 -1.72 -9.39
CA TYR A 20 19.02 -1.97 -9.20
C TYR A 20 19.36 -1.52 -7.78
N GLY A 21 18.79 -2.25 -6.82
CA GLY A 21 18.99 -1.97 -5.39
C GLY A 21 18.69 -3.13 -4.46
N GLU A 22 19.05 -2.93 -3.19
CA GLU A 22 18.68 -3.83 -2.10
C GLU A 22 18.24 -3.00 -0.90
N VAL A 23 17.49 -3.61 0.00
CA VAL A 23 17.18 -3.02 1.29
C VAL A 23 17.87 -3.90 2.33
N GLN A 24 18.68 -3.28 3.20
CA GLN A 24 19.40 -4.00 4.26
C GLN A 24 18.87 -3.63 5.63
N LEU A 25 18.80 -4.62 6.53
CA LEU A 25 18.65 -4.32 7.94
C LEU A 25 19.98 -3.80 8.47
N ALA A 26 19.95 -2.57 8.97
CA ALA A 26 21.10 -1.91 9.59
C ALA A 26 20.87 -1.76 11.09
N VAL A 27 21.88 -2.14 11.90
CA VAL A 27 21.79 -2.04 13.36
C VAL A 27 22.89 -1.12 13.91
N ASN A 28 22.46 -0.13 14.71
CA ASN A 28 23.40 0.83 15.27
C ASN A 28 24.39 0.17 16.27
N ARG A 29 25.66 0.43 16.03
CA ARG A 29 26.78 -0.12 16.78
C ARG A 29 26.70 0.19 18.28
N VAL A 30 26.25 1.41 18.60
CA VAL A 30 26.14 1.88 19.99
C VAL A 30 24.79 1.56 20.59
N THR A 31 23.73 2.00 19.91
CA THR A 31 22.39 1.98 20.48
C THR A 31 21.61 0.70 20.19
N GLU A 32 22.04 -0.04 19.16
CA GLU A 32 21.33 -1.19 18.64
C GLU A 32 19.95 -0.88 17.99
N GLU A 33 19.68 0.40 17.71
CA GLU A 33 18.51 0.77 16.90
C GLU A 33 18.59 0.06 15.55
N ALA A 34 17.48 -0.53 15.10
CA ALA A 34 17.42 -1.18 13.81
C ALA A 34 16.67 -0.26 12.85
N VAL A 35 17.29 0.06 11.72
CA VAL A 35 16.62 0.76 10.61
C VAL A 35 16.77 -0.07 9.34
N ALA A 36 15.93 0.23 8.34
CA ALA A 36 16.06 -0.32 7.00
C ALA A 36 16.83 0.69 6.12
N VAL A 37 17.82 0.21 5.41
CA VAL A 37 18.60 1.08 4.55
C VAL A 37 18.41 0.63 3.10
N LYS A 38 17.93 1.55 2.26
CA LYS A 38 17.67 1.25 0.85
C LYS A 38 18.88 1.74 0.09
N ILE A 39 19.57 0.80 -0.56
CA ILE A 39 20.82 1.08 -1.23
C ILE A 39 20.57 1.09 -2.73
N VAL A 40 20.77 2.27 -3.34
CA VAL A 40 20.49 2.45 -4.77
C VAL A 40 21.74 2.94 -5.52
N ASP A 41 22.29 2.06 -6.33
CA ASP A 41 23.44 2.39 -7.17
C ASP A 41 22.96 3.15 -8.39
N MET A 42 23.32 4.44 -8.48
CA MET A 42 22.83 5.33 -9.52
C MET A 42 23.52 5.09 -10.88
N LYS A 43 23.33 3.89 -11.45
CA LYS A 43 23.89 3.52 -12.75
C LYS A 43 22.97 2.57 -13.52
N ASN A 51 15.05 10.66 -10.35
CA ASN A 51 14.21 9.53 -9.93
C ASN A 51 14.37 9.26 -8.43
N ILE A 52 15.58 8.90 -8.04
CA ILE A 52 15.89 8.72 -6.63
C ILE A 52 15.89 10.07 -5.90
N LYS A 53 16.19 11.16 -6.62
CA LYS A 53 16.05 12.51 -6.04
C LYS A 53 14.61 12.88 -5.74
N LYS A 54 13.68 12.48 -6.63
CA LYS A 54 12.25 12.72 -6.41
C LYS A 54 11.71 11.87 -5.25
N GLU A 55 12.09 10.59 -5.22
CA GLU A 55 11.71 9.67 -4.16
C GLU A 55 12.16 10.18 -2.78
N ILE A 56 13.38 10.73 -2.71
CA ILE A 56 13.92 11.28 -1.46
C ILE A 56 13.11 12.53 -1.09
N CYS A 57 12.87 13.37 -2.07
CA CYS A 57 12.10 14.61 -1.85
C CYS A 57 10.68 14.32 -1.36
N ILE A 58 10.03 13.33 -1.97
CA ILE A 58 8.69 12.96 -1.52
C ILE A 58 8.79 12.36 -0.12
N ASN A 59 9.77 11.50 0.12
CA ASN A 59 9.95 10.88 1.44
C ASN A 59 10.08 11.89 2.58
N LYS A 60 10.81 12.98 2.32
CA LYS A 60 10.99 14.08 3.30
C LYS A 60 9.70 14.81 3.69
N MET A 61 8.68 14.71 2.84
CA MET A 61 7.35 15.26 3.15
C MET A 61 6.52 14.41 4.13
N LEU A 62 6.91 13.15 4.34
CA LEU A 62 6.03 12.14 4.94
C LEU A 62 6.23 11.93 6.42
N ASN A 63 5.15 12.14 7.19
CA ASN A 63 5.13 11.94 8.63
C ASN A 63 3.75 11.49 9.10
N HIS A 64 3.56 10.18 9.09
CA HIS A 64 2.30 9.60 9.52
C HIS A 64 2.61 8.16 9.97
N GLU A 65 1.87 7.70 10.97
CA GLU A 65 2.04 6.39 11.60
C GLU A 65 1.77 5.17 10.71
N ASN A 66 1.12 5.37 9.55
CA ASN A 66 0.87 4.30 8.59
C ASN A 66 1.58 4.54 7.26
N VAL A 67 2.66 5.33 7.33
CA VAL A 67 3.59 5.51 6.22
C VAL A 67 4.99 5.25 6.79
N VAL A 68 5.78 4.51 6.04
CA VAL A 68 7.16 4.23 6.40
C VAL A 68 7.95 5.55 6.54
N LYS A 69 8.48 5.80 7.73
CA LYS A 69 9.20 7.03 8.08
C LYS A 69 10.56 7.10 7.39
N PHE A 70 10.87 8.27 6.84
CA PHE A 70 12.19 8.57 6.26
C PHE A 70 13.03 9.30 7.31
N TYR A 71 14.20 8.75 7.64
CA TYR A 71 15.04 9.31 8.70
C TYR A 71 16.08 10.28 8.14
N GLY A 72 16.58 9.94 6.95
CA GLY A 72 17.45 10.82 6.21
C GLY A 72 18.15 10.00 5.15
N HIS A 73 19.06 10.64 4.44
CA HIS A 73 19.83 10.00 3.38
C HIS A 73 21.30 10.43 3.39
N ARG A 74 22.14 9.56 2.85
CA ARG A 74 23.56 9.82 2.69
C ARG A 74 24.01 9.27 1.33
N ARG A 75 24.85 9.99 0.62
CA ARG A 75 25.40 9.48 -0.64
C ARG A 75 26.91 9.30 -0.52
N GLU A 76 27.39 8.15 -0.99
CA GLU A 76 28.82 7.85 -1.03
C GLU A 76 29.18 7.45 -2.44
N GLY A 77 29.54 8.45 -3.24
CA GLY A 77 29.89 8.27 -4.64
C GLY A 77 28.65 8.17 -5.50
N ASN A 78 28.37 6.97 -5.99
CA ASN A 78 27.18 6.71 -6.79
C ASN A 78 26.12 5.90 -6.04
N ILE A 79 26.53 5.25 -4.95
CA ILE A 79 25.58 4.59 -4.06
C ILE A 79 24.90 5.63 -3.15
N GLN A 80 23.59 5.74 -3.29
CA GLN A 80 22.78 6.57 -2.41
C GLN A 80 22.16 5.66 -1.33
N TYR A 81 22.08 6.18 -0.10
CA TYR A 81 21.55 5.44 1.05
C TYR A 81 20.32 6.16 1.62
N LEU A 82 19.17 5.50 1.61
CA LEU A 82 17.98 6.05 2.26
C LEU A 82 17.78 5.31 3.58
N PHE A 83 17.60 6.05 4.66
CA PHE A 83 17.40 5.46 5.98
C PHE A 83 15.91 5.53 6.27
N LEU A 84 15.32 4.36 6.49
CA LEU A 84 13.87 4.20 6.60
C LEU A 84 13.49 3.39 7.83
N GLU A 85 12.26 3.59 8.29
CA GLU A 85 11.68 2.89 9.43
C GLU A 85 11.68 1.38 9.19
N TYR A 86 12.35 0.62 10.07
CA TYR A 86 12.36 -0.84 9.95
C TYR A 86 11.03 -1.45 10.41
N CYS A 87 10.50 -2.34 9.58
CA CYS A 87 9.20 -2.93 9.77
C CYS A 87 9.41 -4.44 9.90
N SER A 88 9.47 -4.93 11.14
CA SER A 88 9.96 -6.30 11.38
C SER A 88 8.96 -7.37 10.98
N GLY A 89 7.67 -7.01 10.93
CA GLY A 89 6.61 -7.91 10.46
C GLY A 89 6.66 -8.29 8.98
N GLY A 90 7.45 -7.58 8.17
CA GLY A 90 7.58 -7.90 6.75
C GLY A 90 6.37 -7.42 5.94
N GLU A 91 6.08 -8.11 4.84
CA GLU A 91 5.02 -7.69 3.91
C GLU A 91 3.68 -8.28 4.26
N LEU A 92 2.64 -7.47 4.08
CA LEU A 92 1.26 -7.92 4.17
C LEU A 92 1.05 -9.09 3.23
N PHE A 93 1.74 -9.08 2.09
CA PHE A 93 1.69 -10.16 1.16
C PHE A 93 1.80 -11.52 1.86
N ASP A 94 2.70 -11.65 2.84
CA ASP A 94 2.92 -12.94 3.50
C ASP A 94 1.93 -13.27 4.60
N ARG A 95 0.99 -12.36 4.90
CA ARG A 95 -0.12 -12.66 5.83
C ARG A 95 -1.36 -13.16 5.09
N ILE A 96 -1.32 -13.13 3.77
CA ILE A 96 -2.39 -13.60 2.93
C ILE A 96 -2.15 -15.07 2.55
N GLU A 97 -2.99 -15.98 3.05
CA GLU A 97 -2.86 -17.38 2.69
C GLU A 97 -3.48 -17.61 1.32
N PRO A 98 -2.71 -18.22 0.40
CA PRO A 98 -3.27 -18.48 -0.93
C PRO A 98 -4.61 -19.22 -0.89
N ASP A 99 -5.56 -18.74 -1.68
CA ASP A 99 -6.92 -19.24 -1.75
C ASP A 99 -7.77 -19.07 -0.49
N ILE A 100 -7.21 -18.53 0.59
CA ILE A 100 -7.98 -18.33 1.82
C ILE A 100 -8.13 -16.85 2.21
N GLY A 101 -7.02 -16.12 2.23
CA GLY A 101 -7.00 -14.74 2.70
C GLY A 101 -6.50 -14.68 4.14
N MET A 102 -7.33 -14.13 5.00
CA MET A 102 -7.03 -14.06 6.42
C MET A 102 -8.36 -13.83 7.13
N PRO A 103 -8.35 -13.93 8.47
CA PRO A 103 -9.57 -13.65 9.20
C PRO A 103 -10.11 -12.25 8.92
N GLU A 104 -11.40 -12.15 8.70
CA GLU A 104 -12.05 -10.90 8.33
C GLU A 104 -11.75 -9.73 9.26
N PRO A 105 -11.66 -9.96 10.61
CA PRO A 105 -11.30 -8.85 11.50
C PRO A 105 -9.88 -8.30 11.29
N ASP A 106 -8.94 -9.18 10.97
CA ASP A 106 -7.57 -8.77 10.63
C ASP A 106 -7.57 -7.89 9.37
N ALA A 107 -8.27 -8.35 8.34
CA ALA A 107 -8.36 -7.63 7.07
C ALA A 107 -9.00 -6.26 7.25
N GLN A 108 -10.04 -6.19 8.08
CA GLN A 108 -10.71 -4.91 8.39
C GLN A 108 -9.77 -3.94 9.09
N ARG A 109 -9.05 -4.44 10.10
CA ARG A 109 -8.05 -3.65 10.79
C ARG A 109 -6.92 -3.19 9.83
N PHE A 110 -6.41 -4.07 8.98
CA PHE A 110 -5.39 -3.66 8.01
C PHE A 110 -5.98 -2.63 7.03
N PHE A 111 -7.23 -2.83 6.64
CA PHE A 111 -7.91 -1.90 5.73
C PHE A 111 -8.12 -0.49 6.34
N HIS A 112 -8.49 -0.44 7.61
CA HIS A 112 -8.57 0.82 8.35
C HIS A 112 -7.25 1.57 8.31
N GLN A 113 -6.14 0.87 8.56
CA GLN A 113 -4.84 1.50 8.66
C GLN A 113 -4.37 1.96 7.28
N LEU A 114 -4.72 1.19 6.26
CA LEU A 114 -4.43 1.51 4.88
C LEU A 114 -5.16 2.77 4.46
N MET A 115 -6.43 2.87 4.81
CA MET A 115 -7.17 4.10 4.51
C MET A 115 -6.57 5.32 5.21
N ALA A 116 -6.21 5.17 6.48
CA ALA A 116 -5.59 6.30 7.21
C ALA A 116 -4.31 6.77 6.52
N GLY A 117 -3.46 5.83 6.14
CA GLY A 117 -2.25 6.15 5.34
C GLY A 117 -2.56 6.84 4.02
N VAL A 118 -3.52 6.30 3.27
CA VAL A 118 -3.88 6.87 1.97
C VAL A 118 -4.56 8.24 2.11
N VAL A 119 -5.46 8.38 3.09
CA VAL A 119 -6.04 9.70 3.44
C VAL A 119 -4.94 10.72 3.68
N TYR A 120 -3.89 10.32 4.41
CA TYR A 120 -2.78 11.23 4.72
C TYR A 120 -2.01 11.65 3.45
N LEU A 121 -1.63 10.69 2.63
CA LEU A 121 -0.90 10.99 1.41
C LEU A 121 -1.71 11.94 0.53
N HIS A 122 -2.99 11.61 0.37
CA HIS A 122 -3.84 12.40 -0.49
C HIS A 122 -3.99 13.82 0.03
N GLY A 123 -4.12 14.00 1.34
CA GLY A 123 -4.23 15.35 1.93
C GLY A 123 -3.01 16.22 1.76
N ILE A 124 -1.83 15.62 1.63
CA ILE A 124 -0.63 16.37 1.28
C ILE A 124 -0.33 16.36 -0.22
N GLY A 125 -1.26 15.83 -1.02
CA GLY A 125 -1.18 15.94 -2.48
C GLY A 125 -0.29 14.91 -3.13
N ILE A 126 -0.02 13.80 -2.43
CA ILE A 126 0.85 12.71 -2.93
C ILE A 126 0.01 11.49 -3.27
N THR A 127 0.25 10.95 -4.47
CA THR A 127 -0.31 9.64 -4.85
C THR A 127 0.84 8.62 -4.88
N HIS A 128 0.61 7.47 -4.28
CA HIS A 128 1.58 6.39 -4.21
C HIS A 128 1.77 5.71 -5.58
N ARG A 129 0.64 5.36 -6.21
CA ARG A 129 0.52 4.82 -7.59
C ARG A 129 0.91 3.35 -7.77
N ASP A 130 1.27 2.68 -6.69
CA ASP A 130 1.60 1.25 -6.75
C ASP A 130 1.25 0.51 -5.45
N ILE A 131 0.02 0.70 -4.99
CA ILE A 131 -0.44 0.10 -3.77
C ILE A 131 -0.76 -1.39 -4.02
N LYS A 132 -0.16 -2.24 -3.18
CA LYS A 132 -0.30 -3.66 -3.27
C LYS A 132 0.34 -4.24 -2.02
N PRO A 133 0.02 -5.51 -1.70
CA PRO A 133 0.50 -6.10 -0.45
C PRO A 133 2.03 -6.20 -0.27
N GLU A 134 2.77 -6.27 -1.38
CA GLU A 134 4.24 -6.23 -1.36
C GLU A 134 4.77 -4.90 -0.87
N ASN A 135 3.97 -3.85 -1.01
CA ASN A 135 4.36 -2.52 -0.58
C ASN A 135 3.69 -2.06 0.69
N LEU A 136 3.03 -2.97 1.36
CA LEU A 136 2.40 -2.63 2.63
C LEU A 136 3.10 -3.48 3.69
N LEU A 137 3.83 -2.80 4.57
CA LEU A 137 4.68 -3.43 5.55
C LEU A 137 4.01 -3.41 6.91
N LEU A 138 4.46 -4.32 7.78
CA LEU A 138 3.93 -4.48 9.11
C LEU A 138 5.06 -4.29 10.12
N ASP A 139 4.84 -3.43 11.12
CA ASP A 139 5.81 -3.33 12.22
C ASP A 139 5.61 -4.49 13.19
N GLU A 140 6.35 -4.47 14.31
CA GLU A 140 6.31 -5.55 15.30
C GLU A 140 4.96 -5.71 16.02
N ARG A 141 4.17 -4.63 16.04
CA ARG A 141 2.78 -4.71 16.54
C ARG A 141 1.71 -4.89 15.43
N ASP A 142 2.13 -5.35 14.24
CA ASP A 142 1.20 -5.54 13.11
C ASP A 142 0.49 -4.25 12.66
N ASN A 143 1.14 -3.12 12.88
CA ASN A 143 0.66 -1.88 12.30
C ASN A 143 1.17 -1.77 10.87
N LEU A 144 0.25 -1.41 9.97
CA LEU A 144 0.53 -1.30 8.54
C LEU A 144 1.15 0.07 8.18
N LYS A 145 2.13 -0.01 7.30
CA LYS A 145 2.95 1.11 6.89
C LYS A 145 3.05 1.04 5.37
N ILE A 146 2.62 2.12 4.70
CA ILE A 146 2.79 2.22 3.25
C ILE A 146 4.26 2.50 2.91
N SER A 147 4.85 1.71 2.01
CA SER A 147 6.27 1.84 1.68
C SER A 147 6.55 1.93 0.18
N ASP A 148 7.72 2.48 -0.11
CA ASP A 148 8.28 2.56 -1.46
C ASP A 148 7.60 3.65 -2.29
N PHE A 149 8.20 4.84 -2.26
CA PHE A 149 7.66 6.01 -2.93
C PHE A 149 8.38 6.33 -4.23
N GLY A 150 8.88 5.27 -4.86
CA GLY A 150 9.58 5.32 -6.15
C GLY A 150 8.71 5.59 -7.36
N LEU A 151 7.42 5.29 -7.29
CA LEU A 151 6.49 5.61 -8.37
C LEU A 151 5.58 6.75 -7.99
N ALA A 152 5.77 7.30 -6.78
CA ALA A 152 4.88 8.30 -6.21
C ALA A 152 5.03 9.62 -6.90
N THR A 153 3.95 10.42 -6.96
CA THR A 153 4.05 11.75 -7.53
C THR A 153 3.07 12.74 -6.89
N VAL A 154 3.29 14.02 -7.17
CA VAL A 154 2.44 15.12 -6.73
C VAL A 154 1.26 15.22 -7.68
N PHE A 155 0.05 15.08 -7.14
CA PHE A 155 -1.16 15.31 -7.93
C PHE A 155 -1.89 16.59 -7.54
N ARG A 156 -1.49 17.23 -6.44
CA ARG A 156 -2.06 18.51 -6.02
C ARG A 156 -0.95 19.39 -5.49
N TYR A 157 -0.94 20.64 -5.94
CA TYR A 157 0.02 21.65 -5.47
C TYR A 157 -0.60 23.02 -5.53
N ASN A 158 -0.40 23.81 -4.47
CA ASN A 158 -1.04 25.12 -4.32
C ASN A 158 -2.54 25.04 -4.47
N ASN A 159 -3.08 23.95 -3.92
CA ASN A 159 -4.52 23.63 -3.96
C ASN A 159 -5.08 23.41 -5.37
N ARG A 160 -4.20 23.09 -6.31
CA ARG A 160 -4.59 22.88 -7.70
C ARG A 160 -4.23 21.47 -8.16
N GLU A 161 -5.24 20.68 -8.56
CA GLU A 161 -5.03 19.29 -8.94
C GLU A 161 -4.44 19.16 -10.35
N ARG A 162 -3.45 18.30 -10.48
CA ARG A 162 -2.95 17.86 -11.79
C ARG A 162 -3.50 16.48 -12.15
N LEU A 163 -3.95 16.35 -13.38
CA LEU A 163 -4.36 15.08 -13.92
C LEU A 163 -3.13 14.26 -14.28
N LEU A 164 -3.22 12.95 -14.11
CA LEU A 164 -2.10 12.07 -14.41
C LEU A 164 -2.29 11.47 -15.78
N ASN A 165 -1.20 11.05 -16.41
CA ASN A 165 -1.27 10.34 -17.70
C ASN A 165 -0.23 9.22 -17.91
N LYS A 166 0.72 9.08 -16.99
CA LYS A 166 1.72 8.05 -17.04
C LYS A 166 1.07 6.76 -16.58
N MET A 167 1.20 5.73 -17.40
CA MET A 167 0.79 4.40 -17.02
C MET A 167 1.87 3.82 -16.11
N CYS A 168 1.46 3.42 -14.91
CA CYS A 168 2.36 2.77 -14.00
C CYS A 168 1.55 2.08 -12.90
N GLY A 169 2.26 1.38 -12.02
CA GLY A 169 1.69 0.50 -11.04
C GLY A 169 1.91 -0.94 -11.45
N THR A 170 0.92 -1.80 -11.16
CA THR A 170 1.06 -3.26 -11.30
C THR A 170 -0.29 -3.75 -11.81
N LEU A 171 -0.30 -4.45 -12.94
CA LEU A 171 -1.53 -4.66 -13.72
C LEU A 171 -2.78 -5.18 -12.96
N PRO A 172 -2.61 -6.21 -12.09
CA PRO A 172 -3.76 -6.72 -11.34
C PRO A 172 -4.38 -5.75 -10.32
N TYR A 173 -3.62 -4.72 -9.94
CA TYR A 173 -4.04 -3.69 -9.00
C TYR A 173 -4.43 -2.35 -9.66
N VAL A 174 -4.18 -2.19 -10.96
CA VAL A 174 -4.37 -0.89 -11.61
C VAL A 174 -5.81 -0.67 -12.01
N ALA A 175 -6.24 0.59 -11.92
CA ALA A 175 -7.61 1.00 -12.24
C ALA A 175 -7.84 0.96 -13.76
N PRO A 176 -9.06 0.62 -14.19
CA PRO A 176 -9.32 0.47 -15.61
C PRO A 176 -9.13 1.73 -16.44
N GLU A 177 -9.32 2.91 -15.83
CA GLU A 177 -9.17 4.17 -16.56
C GLU A 177 -7.73 4.39 -17.02
N LEU A 178 -6.79 3.83 -16.27
CA LEU A 178 -5.38 3.95 -16.63
C LEU A 178 -5.09 3.20 -17.94
N LEU A 179 -5.86 2.15 -18.22
CA LEU A 179 -5.75 1.40 -19.47
C LEU A 179 -6.61 1.99 -20.62
N LYS A 180 -7.55 2.87 -20.31
CA LYS A 180 -8.56 3.27 -21.29
C LYS A 180 -8.45 4.74 -21.73
N ARG A 181 -8.06 5.60 -20.77
CA ARG A 181 -8.10 7.04 -20.92
C ARG A 181 -6.70 7.61 -20.92
N ARG A 182 -6.49 8.71 -21.66
CA ARG A 182 -5.19 9.39 -21.68
C ARG A 182 -4.90 10.11 -20.38
N GLU A 183 -5.91 10.71 -19.77
CA GLU A 183 -5.75 11.39 -18.47
C GLU A 183 -6.74 10.87 -17.47
N PHE A 184 -6.37 10.94 -16.21
CA PHE A 184 -7.18 10.41 -15.12
C PHE A 184 -6.80 11.10 -13.81
N HIS A 185 -7.77 11.22 -12.92
CA HIS A 185 -7.54 11.73 -11.57
C HIS A 185 -6.77 10.71 -10.74
N ALA A 186 -5.82 11.20 -9.92
CA ALA A 186 -4.95 10.34 -9.10
C ALA A 186 -5.70 9.54 -8.02
N GLU A 187 -6.63 10.17 -7.32
CA GLU A 187 -7.17 9.59 -6.12
C GLU A 187 -8.00 8.33 -6.34
N PRO A 188 -8.92 8.34 -7.32
CA PRO A 188 -9.67 7.13 -7.62
C PRO A 188 -8.80 5.93 -7.97
N VAL A 189 -7.63 6.16 -8.56
CA VAL A 189 -6.72 5.10 -8.91
C VAL A 189 -6.19 4.38 -7.67
N ASP A 190 -5.85 5.13 -6.62
CA ASP A 190 -5.31 4.54 -5.40
C ASP A 190 -6.43 3.83 -4.60
N VAL A 191 -7.65 4.37 -4.68
CA VAL A 191 -8.83 3.76 -4.08
C VAL A 191 -9.06 2.36 -4.66
N TRP A 192 -9.05 2.29 -6.00
CA TRP A 192 -9.21 1.03 -6.73
C TRP A 192 -8.22 -0.02 -6.25
N SER A 193 -6.91 0.32 -6.31
CA SER A 193 -5.85 -0.58 -5.81
C SER A 193 -6.03 -1.04 -4.36
N CYS A 194 -6.48 -0.15 -3.49
CA CYS A 194 -6.89 -0.56 -2.12
C CYS A 194 -8.02 -1.58 -2.12
N GLY A 195 -8.99 -1.45 -3.03
CA GLY A 195 -10.06 -2.48 -3.21
C GLY A 195 -9.57 -3.88 -3.63
N ILE A 196 -8.58 -3.89 -4.49
CA ILE A 196 -7.96 -5.15 -4.93
C ILE A 196 -7.15 -5.74 -3.75
N VAL A 197 -6.47 -4.88 -2.98
CA VAL A 197 -5.81 -5.34 -1.74
C VAL A 197 -6.82 -5.98 -0.78
N LEU A 198 -7.97 -5.32 -0.56
CA LEU A 198 -9.02 -5.89 0.29
C LEU A 198 -9.50 -7.24 -0.24
N THR A 199 -9.78 -7.31 -1.54
CA THR A 199 -10.19 -8.56 -2.20
C THR A 199 -9.18 -9.68 -1.91
N ALA A 200 -7.88 -9.39 -2.07
CA ALA A 200 -6.79 -10.33 -1.78
C ALA A 200 -6.75 -10.80 -0.33
N MET A 201 -6.84 -9.86 0.61
CA MET A 201 -6.91 -10.17 2.04
C MET A 201 -8.09 -11.05 2.39
N LEU A 202 -9.20 -10.89 1.68
CA LEU A 202 -10.42 -11.67 1.99
C LEU A 202 -10.64 -12.95 1.17
N ALA A 203 -9.93 -13.11 0.05
CA ALA A 203 -10.13 -14.27 -0.85
C ALA A 203 -8.85 -15.09 -1.08
N GLY A 204 -7.69 -14.48 -0.77
CA GLY A 204 -6.38 -15.11 -0.98
C GLY A 204 -6.08 -15.29 -2.45
N GLU A 205 -6.71 -14.47 -3.29
CA GLU A 205 -6.52 -14.49 -4.72
C GLU A 205 -6.90 -13.14 -5.29
N LEU A 206 -6.36 -12.86 -6.47
CA LEU A 206 -6.61 -11.63 -7.21
C LEU A 206 -7.67 -11.90 -8.25
N PRO A 207 -8.63 -10.97 -8.40
CA PRO A 207 -9.77 -11.24 -9.29
C PRO A 207 -9.47 -11.36 -10.80
N TRP A 208 -8.48 -10.61 -11.31
CA TRP A 208 -8.17 -10.61 -12.75
C TRP A 208 -6.71 -10.24 -12.97
N ASP A 209 -6.19 -10.57 -14.15
CA ASP A 209 -4.84 -10.17 -14.56
C ASP A 209 -4.75 -8.65 -14.79
N GLN A 210 -5.85 -8.08 -15.29
CA GLN A 210 -5.97 -6.65 -15.53
C GLN A 210 -7.45 -6.32 -15.76
N PRO A 211 -7.86 -5.06 -15.50
CA PRO A 211 -9.27 -4.69 -15.62
C PRO A 211 -9.57 -4.16 -17.03
N SER A 212 -9.58 -5.07 -17.99
CA SER A 212 -9.82 -4.69 -19.38
C SER A 212 -10.99 -5.50 -19.92
N ASP A 213 -11.64 -4.96 -20.95
CA ASP A 213 -12.81 -5.60 -21.53
C ASP A 213 -12.51 -6.94 -22.22
N SER A 214 -11.22 -7.27 -22.39
CA SER A 214 -10.78 -8.57 -22.88
C SER A 214 -10.35 -9.52 -21.76
N CYS A 215 -10.59 -9.14 -20.51
CA CYS A 215 -10.36 -10.02 -19.36
C CYS A 215 -11.68 -10.61 -18.92
N GLN A 216 -11.85 -11.91 -19.12
CA GLN A 216 -13.10 -12.58 -18.83
C GLN A 216 -13.52 -12.40 -17.38
N GLU A 217 -12.56 -12.49 -16.45
CA GLU A 217 -12.89 -12.39 -15.02
C GLU A 217 -13.37 -10.97 -14.69
N TYR A 218 -12.79 -9.97 -15.35
CA TYR A 218 -13.25 -8.59 -15.19
C TYR A 218 -14.64 -8.40 -15.80
N SER A 219 -14.88 -9.06 -16.93
CA SER A 219 -16.22 -9.02 -17.55
C SER A 219 -17.27 -9.67 -16.69
N ASP A 220 -16.94 -10.81 -16.09
CA ASP A 220 -17.85 -11.47 -15.12
C ASP A 220 -18.24 -10.58 -13.93
N TRP A 221 -17.27 -9.86 -13.37
CA TRP A 221 -17.55 -8.90 -12.31
C TRP A 221 -18.49 -7.77 -12.76
N LYS A 222 -18.24 -7.19 -13.92
CA LYS A 222 -19.11 -6.15 -14.47
C LYS A 222 -20.53 -6.70 -14.64
N GLU A 223 -20.64 -7.96 -15.05
CA GLU A 223 -21.94 -8.66 -15.15
C GLU A 223 -22.45 -9.24 -13.81
N LYS A 224 -21.77 -8.95 -12.71
CA LYS A 224 -22.27 -9.22 -11.36
C LYS A 224 -22.41 -10.70 -10.98
N LYS A 225 -21.53 -11.52 -11.55
CA LYS A 225 -21.52 -12.94 -11.30
C LYS A 225 -20.74 -13.21 -10.02
N THR A 226 -21.28 -12.78 -8.89
CA THR A 226 -20.57 -12.90 -7.60
C THR A 226 -20.84 -14.25 -6.93
N TYR A 227 -21.49 -15.15 -7.67
CA TYR A 227 -21.53 -16.57 -7.33
C TYR A 227 -20.20 -17.27 -7.70
N LEU A 228 -19.35 -16.58 -8.47
CA LEU A 228 -18.00 -17.10 -8.79
C LEU A 228 -16.93 -16.59 -7.82
N ASN A 229 -15.73 -17.17 -7.92
CA ASN A 229 -14.56 -16.73 -7.18
C ASN A 229 -13.90 -15.54 -7.84
N PRO A 230 -13.30 -14.63 -7.04
CA PRO A 230 -13.14 -14.77 -5.59
C PRO A 230 -14.32 -14.35 -4.74
N TRP A 231 -15.36 -13.81 -5.39
CA TRP A 231 -16.44 -13.08 -4.70
C TRP A 231 -17.26 -13.97 -3.79
N LYS A 232 -17.40 -15.24 -4.20
CA LYS A 232 -18.23 -16.18 -3.44
C LYS A 232 -17.63 -16.46 -2.06
N LYS A 233 -16.32 -16.24 -1.90
CA LYS A 233 -15.65 -16.40 -0.60
C LYS A 233 -15.77 -15.20 0.35
N ILE A 234 -16.40 -14.11 -0.09
CA ILE A 234 -16.37 -12.84 0.63
C ILE A 234 -17.77 -12.63 1.17
N ASP A 235 -17.86 -12.35 2.46
CA ASP A 235 -19.15 -12.09 3.05
C ASP A 235 -19.83 -10.89 2.39
N SER A 236 -21.16 -10.91 2.43
CA SER A 236 -22.00 -9.92 1.77
C SER A 236 -21.71 -8.47 2.21
N ALA A 237 -21.30 -8.27 3.47
CA ALA A 237 -21.01 -6.91 3.94
C ALA A 237 -19.74 -6.33 3.32
N PRO A 238 -18.59 -7.01 3.46
CA PRO A 238 -17.41 -6.50 2.73
C PRO A 238 -17.56 -6.49 1.20
N LEU A 239 -18.30 -7.47 0.67
CA LEU A 239 -18.54 -7.56 -0.77
C LEU A 239 -19.33 -6.36 -1.28
N ALA A 240 -20.27 -5.88 -0.46
CA ALA A 240 -20.99 -4.64 -0.75
C ALA A 240 -20.05 -3.40 -0.80
N LEU A 241 -19.01 -3.39 0.02
CA LEU A 241 -17.99 -2.32 -0.09
C LEU A 241 -17.21 -2.47 -1.39
N LEU A 242 -16.79 -3.70 -1.70
CA LEU A 242 -16.05 -3.93 -2.94
C LEU A 242 -16.85 -3.52 -4.18
N HIS A 243 -18.18 -3.73 -4.15
CA HIS A 243 -19.08 -3.33 -5.25
C HIS A 243 -19.05 -1.82 -5.51
N LYS A 244 -18.81 -1.05 -4.46
CA LYS A 244 -18.70 0.42 -4.52
C LYS A 244 -17.30 0.92 -4.89
N ILE A 245 -16.26 0.16 -4.54
CA ILE A 245 -14.88 0.50 -4.88
C ILE A 245 -14.54 0.08 -6.30
N LEU A 246 -14.90 -1.15 -6.65
CA LEU A 246 -14.46 -1.69 -7.94
C LEU A 246 -15.46 -1.29 -9.04
N VAL A 247 -15.64 0.03 -9.19
CA VAL A 247 -16.61 0.64 -10.10
C VAL A 247 -15.77 1.19 -11.23
N GLU A 248 -16.12 0.82 -12.47
CA GLU A 248 -15.28 1.10 -13.64
C GLU A 248 -15.12 2.59 -13.91
N ASN A 249 -16.21 3.34 -13.76
CA ASN A 249 -16.18 4.78 -13.95
C ASN A 249 -15.57 5.45 -12.71
N PRO A 250 -14.39 6.07 -12.86
CA PRO A 250 -13.73 6.63 -11.67
C PRO A 250 -14.48 7.82 -11.03
N SER A 251 -15.34 8.49 -11.80
CA SER A 251 -16.20 9.56 -11.28
C SER A 251 -17.37 9.07 -10.44
N ALA A 252 -17.81 7.84 -10.70
CA ALA A 252 -18.88 7.17 -9.96
C ALA A 252 -18.31 6.30 -8.82
N ARG A 253 -17.01 6.03 -8.85
CA ARG A 253 -16.38 5.24 -7.78
C ARG A 253 -16.46 5.95 -6.42
N ILE A 254 -16.62 5.15 -5.38
CA ILE A 254 -16.71 5.67 -4.03
C ILE A 254 -15.39 6.33 -3.65
N THR A 255 -15.51 7.40 -2.86
CA THR A 255 -14.41 8.19 -2.40
C THR A 255 -14.13 7.73 -0.98
N ILE A 256 -12.96 8.08 -0.47
CA ILE A 256 -12.56 7.69 0.87
C ILE A 256 -13.49 8.20 1.97
N PRO A 257 -13.89 9.50 1.94
CA PRO A 257 -14.89 9.94 2.93
C PRO A 257 -16.14 9.04 3.01
N ASP A 258 -16.63 8.54 1.88
CA ASP A 258 -17.75 7.63 1.85
C ASP A 258 -17.42 6.16 2.24
N ILE A 259 -16.21 5.69 1.91
CA ILE A 259 -15.70 4.41 2.44
C ILE A 259 -15.77 4.40 3.98
N LYS A 260 -15.47 5.53 4.59
CA LYS A 260 -15.45 5.62 6.05
C LYS A 260 -16.84 5.60 6.69
N LYS A 261 -17.89 5.74 5.87
CA LYS A 261 -19.27 5.63 6.27
C LYS A 261 -19.89 4.27 5.91
N ASP A 262 -19.13 3.39 5.27
CA ASP A 262 -19.63 2.11 4.81
C ASP A 262 -19.98 1.24 6.01
N ARG A 263 -20.99 0.39 5.85
CA ARG A 263 -21.48 -0.44 6.95
C ARG A 263 -20.44 -1.46 7.42
N TRP A 264 -19.81 -2.18 6.49
CA TRP A 264 -18.79 -3.13 6.89
C TRP A 264 -17.58 -2.46 7.55
N TYR A 265 -17.15 -1.36 6.95
CA TYR A 265 -16.05 -0.55 7.47
C TYR A 265 -16.25 -0.18 8.97
N ASN A 266 -17.50 0.05 9.35
CA ASN A 266 -17.86 0.46 10.70
C ASN A 266 -18.42 -0.72 11.59
N LYS A 267 -18.34 -1.96 11.09
CA LYS A 267 -18.84 -3.14 11.80
C LYS A 267 -17.85 -3.57 12.88
N PRO A 268 -18.28 -3.63 14.15
CA PRO A 268 -17.37 -4.18 15.17
C PRO A 268 -17.08 -5.65 14.92
N LEU A 269 -15.80 -5.98 14.82
CA LEU A 269 -15.36 -7.32 14.44
C LEU A 269 -14.24 -7.83 15.33
N LYS A 270 -13.36 -6.92 15.75
CA LYS A 270 -12.06 -7.29 16.34
C LYS A 270 -11.88 -6.80 17.78
N LYS A 271 -11.52 -7.73 18.66
CA LYS A 271 -11.06 -7.38 20.00
C LYS A 271 -9.70 -6.67 19.91
N GLY A 272 -9.38 -5.86 20.91
CA GLY A 272 -8.07 -5.21 21.00
C GLY A 272 -6.90 -6.19 21.12
N ALA A 273 -5.68 -5.66 21.02
CA ALA A 273 -4.46 -6.47 21.14
C ALA A 273 -4.34 -7.07 22.54
N PRO A 276 -1.88 -8.50 29.09
CA PRO A 276 -2.20 -9.71 29.85
C PRO A 276 -3.15 -9.47 31.04
N ARG A 277 -3.59 -10.56 31.66
CA ARG A 277 -4.57 -10.48 32.75
C ARG A 277 -4.51 -11.76 33.60
N VAL A 278 -4.97 -11.66 34.85
CA VAL A 278 -5.02 -12.80 35.77
C VAL A 278 -6.41 -12.88 36.43
N THR A 279 -6.71 -14.02 37.05
CA THR A 279 -7.98 -14.20 37.75
C THR A 279 -7.73 -14.54 39.23
N SER A 280 -8.78 -14.50 40.04
CA SER A 280 -8.69 -14.83 41.46
C SER A 280 -9.92 -15.61 41.92
O2 3DV B . 11.44 2.66 0.07
C11 3DV B . 11.46 1.43 -0.16
O1 3DV B . 11.50 0.96 -1.32
C8 3DV B . 11.45 0.48 1.00
C7 3DV B . 10.65 -0.66 1.00
C6 3DV B . 10.68 -1.52 2.09
C9 3DV B . 12.29 0.71 2.08
C10 3DV B . 12.33 -0.15 3.18
C5 3DV B . 11.52 -1.28 3.18
C1 3DV B . 11.45 -2.22 4.34
N2 3DV B . 11.36 -3.57 4.19
C4 3DV B . 11.25 -4.35 5.30
C3 3DV B . 11.19 -3.76 6.57
N1 3DV B . 11.26 -2.44 6.71
C2 3DV B . 11.37 -1.65 5.61
N3 3DV B . 11.43 -0.29 5.74
C12 3DV B . 11.11 -5.83 5.18
C17 3DV B . 11.42 -6.68 6.23
C16 3DV B . 11.22 -8.04 6.10
O3 3DV B . 11.58 -8.85 7.13
C15 3DV B . 10.66 -8.57 4.93
C14 3DV B . 10.31 -7.72 3.88
C13 3DV B . 10.51 -6.34 4.02
#